data_5XZ9
#
_entry.id   5XZ9
#
_cell.length_a   118.746
_cell.length_b   36.790
_cell.length_c   89.800
_cell.angle_alpha   90.00
_cell.angle_beta   123.82
_cell.angle_gamma   90.00
#
_symmetry.space_group_name_H-M   'C 1 2 1'
#
loop_
_entity.id
_entity.type
_entity.pdbx_description
1 polymer 'ATP-dependent 6-phosphofructokinase'
2 non-polymer "ADENOSINE-5'-TRIPHOSPHATE"
3 non-polymer GLYCEROL
4 water water
#
_entity_poly.entity_id   1
_entity_poly.type   'polypeptide(L)'
_entity_poly.pdbx_seq_one_letter_code
;MKKIAVLTSGGDSPGMNAAVRAVVRTAIYNEIEVYGVYHGYQGLLNDDIHKLELGSVGDTIQRGGTFLYSARCPEFKEQE
VRKVAIENLRKRGIEGLVVIGGDGSYRGAQRISEECKEIQTIGIPGTIDNDINGTDFTIGFDTALNTIIGLVDKIRDTAS
SHARTFIIEAMGRDCGDLALWAGLSVGAETIVVPEVKTDIKEIADKIEQGIKRGKKHSIVLVAEGCMTAQDCQKELSQYI
NVDNRVSVLGHVQRGGSPTGADRVLASRLGGYAVDLLMQGETAKGVGIKNNKIVATSFDEIFDGKDHKFDYSLYELANKL
SILEHHHHHH
;
_entity_poly.pdbx_strand_id   A
#
loop_
_chem_comp.id
_chem_comp.type
_chem_comp.name
_chem_comp.formula
ATP non-polymer ADENOSINE-5'-TRIPHOSPHATE 'C10 H16 N5 O13 P3'
GOL non-polymer GLYCEROL 'C3 H8 O3'
#
# COMPACT_ATOMS: atom_id res chain seq x y z
N MET A 1 -5.45 9.38 -28.01
CA MET A 1 -5.32 8.41 -26.94
C MET A 1 -6.15 7.20 -27.31
N LYS A 2 -5.62 6.42 -28.24
CA LYS A 2 -6.36 5.32 -28.84
C LYS A 2 -6.27 4.03 -28.07
N LYS A 3 -5.11 3.78 -27.45
CA LYS A 3 -4.84 2.54 -26.75
C LYS A 3 -4.03 2.79 -25.52
N ILE A 4 -4.46 2.16 -24.44
CA ILE A 4 -3.73 2.19 -23.22
C ILE A 4 -3.47 0.81 -22.66
N ALA A 5 -2.40 0.75 -21.89
CA ALA A 5 -2.02 -0.44 -21.15
C ALA A 5 -2.08 -0.15 -19.63
N VAL A 6 -2.32 -1.20 -18.88
CA VAL A 6 -2.41 -1.15 -17.44
C VAL A 6 -1.71 -2.35 -16.80
N LEU A 7 -1.01 -2.07 -15.71
CA LEU A 7 -0.19 -3.13 -15.03
C LEU A 7 -0.13 -2.87 -13.52
N THR A 8 0.06 -3.94 -12.78
CA THR A 8 0.16 -3.88 -11.36
C THR A 8 1.55 -4.33 -10.95
N SER A 9 2.16 -3.58 -10.06
CA SER A 9 3.53 -3.81 -9.66
C SER A 9 3.80 -3.58 -8.14
N GLY A 10 4.67 -4.40 -7.59
CA GLY A 10 5.03 -4.44 -6.21
C GLY A 10 4.16 -5.41 -5.46
N GLY A 11 4.16 -5.32 -4.15
CA GLY A 11 3.39 -6.25 -3.36
C GLY A 11 1.90 -6.00 -3.56
N ASP A 12 1.09 -7.02 -3.30
CA ASP A 12 -0.37 -6.88 -3.41
C ASP A 12 -0.89 -5.80 -2.47
N SER A 13 -1.94 -5.09 -2.91
CA SER A 13 -2.79 -4.33 -1.97
C SER A 13 -4.19 -4.45 -2.44
N PRO A 14 -5.08 -4.60 -1.48
CA PRO A 14 -6.53 -4.73 -1.70
C PRO A 14 -7.03 -3.48 -2.39
N GLY A 15 -7.78 -3.70 -3.46
CA GLY A 15 -8.29 -2.59 -4.30
C GLY A 15 -7.49 -2.44 -5.60
N MET A 16 -6.35 -3.13 -5.72
CA MET A 16 -5.70 -3.17 -7.04
C MET A 16 -6.65 -3.64 -8.15
N ASN A 17 -7.44 -4.67 -7.88
CA ASN A 17 -8.42 -5.12 -8.87
C ASN A 17 -9.48 -4.13 -9.17
N ALA A 18 -9.97 -3.44 -8.16
CA ALA A 18 -10.94 -2.38 -8.39
C ALA A 18 -10.39 -1.24 -9.21
N ALA A 19 -9.08 -0.96 -9.05
CA ALA A 19 -8.44 0.13 -9.86
C ALA A 19 -8.30 -0.31 -11.32
N VAL A 20 -7.91 -1.56 -11.57
CA VAL A 20 -7.79 -2.07 -12.93
C VAL A 20 -9.24 -2.05 -13.60
N ARG A 21 -10.23 -2.48 -12.85
CA ARG A 21 -11.58 -2.48 -13.33
C ARG A 21 -11.98 -1.08 -13.79
N ALA A 22 -11.69 -0.07 -12.99
CA ALA A 22 -12.07 1.29 -13.33
C ALA A 22 -11.29 1.85 -14.54
N VAL A 23 -10.01 1.50 -14.66
CA VAL A 23 -9.25 1.87 -15.81
C VAL A 23 -9.87 1.28 -17.08
N VAL A 24 -10.13 -0.03 -17.02
CA VAL A 24 -10.63 -0.75 -18.16
C VAL A 24 -12.00 -0.24 -18.56
N ARG A 25 -12.93 -0.16 -17.62
CA ARG A 25 -14.27 0.29 -17.96
C ARG A 25 -14.38 1.78 -18.41
N THR A 26 -13.65 2.68 -17.75
CA THR A 26 -13.56 4.07 -18.18
C THR A 26 -12.97 4.19 -19.58
N ALA A 27 -11.83 3.57 -19.83
CA ALA A 27 -11.21 3.58 -21.19
C ALA A 27 -12.24 3.14 -22.28
N ILE A 28 -12.90 2.01 -22.04
CA ILE A 28 -13.85 1.46 -23.05
C ILE A 28 -15.06 2.35 -23.24
N TYR A 29 -15.55 2.91 -22.14
CA TYR A 29 -16.61 3.89 -22.21
C TYR A 29 -16.22 5.03 -23.12
N ASN A 30 -14.96 5.44 -23.08
CA ASN A 30 -14.47 6.50 -23.96
C ASN A 30 -13.91 6.05 -25.31
N GLU A 31 -14.19 4.82 -25.69
CA GLU A 31 -13.78 4.22 -26.99
C GLU A 31 -12.26 4.10 -27.21
N ILE A 32 -11.57 3.88 -26.10
CA ILE A 32 -10.17 3.62 -26.05
C ILE A 32 -10.03 2.10 -25.87
N GLU A 33 -9.11 1.51 -26.62
CA GLU A 33 -8.73 0.10 -26.42
C GLU A 33 -7.73 -0.03 -25.26
N VAL A 34 -7.86 -1.09 -24.44
CA VAL A 34 -7.09 -1.27 -23.21
C VAL A 34 -6.49 -2.65 -23.18
N TYR A 35 -5.22 -2.70 -22.86
CA TYR A 35 -4.42 -3.92 -22.79
C TYR A 35 -3.97 -4.16 -21.37
N GLY A 36 -4.17 -5.38 -20.90
CA GLY A 36 -3.67 -5.87 -19.66
C GLY A 36 -2.27 -6.41 -19.85
N VAL A 37 -1.37 -5.92 -19.02
CA VAL A 37 0.04 -6.34 -18.93
C VAL A 37 0.13 -7.19 -17.71
N TYR A 38 0.50 -8.47 -17.91
CA TYR A 38 0.53 -9.49 -16.86
C TYR A 38 1.93 -9.58 -16.27
N HIS A 39 1.99 -9.73 -14.95
CA HIS A 39 3.23 -9.91 -14.15
C HIS A 39 4.05 -8.65 -14.09
N GLY A 40 3.39 -7.50 -14.00
CA GLY A 40 4.13 -6.29 -13.76
C GLY A 40 5.08 -5.93 -14.87
N TYR A 41 6.22 -5.36 -14.48
CA TYR A 41 7.18 -4.98 -15.46
C TYR A 41 7.81 -6.20 -16.23
N GLN A 42 7.77 -7.41 -15.66
CA GLN A 42 8.30 -8.63 -16.34
C GLN A 42 7.43 -8.92 -17.54
N GLY A 43 6.13 -8.70 -17.35
CA GLY A 43 5.20 -8.79 -18.45
C GLY A 43 5.54 -7.87 -19.58
N LEU A 44 5.93 -6.63 -19.31
CA LEU A 44 6.32 -5.77 -20.45
C LEU A 44 7.49 -6.31 -21.19
N LEU A 45 8.45 -6.86 -20.44
CA LEU A 45 9.67 -7.39 -21.01
C LEU A 45 9.42 -8.63 -21.82
N ASN A 46 8.62 -9.56 -21.27
CA ASN A 46 8.20 -10.75 -22.01
C ASN A 46 7.04 -10.62 -23.01
N ASP A 47 6.55 -9.41 -23.26
CA ASP A 47 5.40 -9.15 -24.13
C ASP A 47 4.08 -9.87 -23.73
N ASP A 48 3.85 -10.03 -22.42
CA ASP A 48 2.69 -10.69 -21.85
C ASP A 48 1.58 -9.62 -21.66
N ILE A 49 1.13 -9.11 -22.80
CA ILE A 49 0.26 -7.99 -23.01
C ILE A 49 -0.96 -8.51 -23.83
N HIS A 50 -2.16 -8.35 -23.32
CA HIS A 50 -3.39 -8.84 -23.97
C HIS A 50 -4.53 -7.84 -23.91
N LYS A 51 -5.28 -7.75 -24.96
CA LYS A 51 -6.43 -6.91 -25.02
C LYS A 51 -7.50 -7.31 -24.00
N LEU A 52 -7.99 -6.34 -23.22
CA LEU A 52 -9.07 -6.54 -22.26
C LEU A 52 -10.41 -6.04 -22.83
N GLU A 53 -11.49 -6.77 -22.57
CA GLU A 53 -12.84 -6.32 -22.88
C GLU A 53 -13.62 -6.03 -21.58
N LEU A 54 -14.84 -5.52 -21.72
CA LEU A 54 -15.67 -5.18 -20.59
C LEU A 54 -15.86 -6.31 -19.63
N GLY A 55 -16.00 -7.52 -20.17
CA GLY A 55 -16.19 -8.66 -19.34
C GLY A 55 -14.93 -9.20 -18.70
N SER A 56 -13.77 -8.78 -19.16
CA SER A 56 -12.53 -9.22 -18.56
C SER A 56 -12.40 -8.81 -17.08
N VAL A 57 -13.15 -7.78 -16.65
CA VAL A 57 -13.07 -7.28 -15.29
C VAL A 57 -14.38 -7.52 -14.49
N GLY A 58 -15.24 -8.39 -14.97
CA GLY A 58 -16.40 -8.81 -14.20
C GLY A 58 -15.94 -9.58 -12.98
N ASP A 59 -16.69 -9.42 -11.89
CA ASP A 59 -16.40 -10.05 -10.60
C ASP A 59 -15.05 -9.69 -9.97
N THR A 60 -14.61 -8.45 -10.13
CA THR A 60 -13.29 -8.06 -9.68
C THR A 60 -13.29 -7.01 -8.60
N ILE A 61 -14.35 -6.22 -8.47
CA ILE A 61 -14.31 -5.11 -7.54
C ILE A 61 -14.03 -5.60 -6.12
N GLN A 62 -14.56 -6.78 -5.76
CA GLN A 62 -14.41 -7.35 -4.46
C GLN A 62 -13.15 -8.20 -4.26
N ARG A 63 -12.42 -8.48 -5.36
CA ARG A 63 -11.39 -9.50 -5.37
C ARG A 63 -10.12 -8.88 -4.83
N GLY A 64 -9.51 -9.59 -3.92
CA GLY A 64 -8.23 -9.19 -3.42
C GLY A 64 -7.11 -9.50 -4.43
N GLY A 65 -5.95 -9.02 -4.07
CA GLY A 65 -4.78 -9.12 -4.92
C GLY A 65 -4.91 -8.46 -6.26
N THR A 66 -4.33 -9.13 -7.26
CA THR A 66 -4.29 -8.61 -8.64
C THR A 66 -4.39 -9.72 -9.68
N PHE A 67 -5.46 -9.65 -10.48
CA PHE A 67 -5.73 -10.66 -11.49
C PHE A 67 -4.73 -10.63 -12.67
N LEU A 68 -4.08 -9.50 -12.91
CA LEU A 68 -2.98 -9.38 -13.85
C LEU A 68 -2.04 -9.84 -12.79
N TYR A 69 -0.91 -10.28 -13.02
CA TYR A 69 -0.20 -10.69 -11.71
C TYR A 69 0.71 -9.54 -11.35
N SER A 70 1.63 -9.74 -10.44
CA SER A 70 2.77 -8.87 -10.29
C SER A 70 4.03 -9.69 -10.09
N ALA A 71 5.15 -9.19 -10.58
CA ALA A 71 6.47 -9.80 -10.34
C ALA A 71 7.51 -8.73 -10.07
N ARG A 72 8.62 -9.14 -9.46
CA ARG A 72 9.77 -8.28 -9.28
C ARG A 72 10.54 -8.33 -10.57
N CYS A 73 11.06 -7.17 -10.94
CA CYS A 73 11.78 -6.98 -12.17
C CYS A 73 12.90 -5.99 -11.85
N PRO A 74 13.90 -6.46 -11.07
CA PRO A 74 15.11 -5.66 -10.86
C PRO A 74 15.82 -5.18 -12.10
N GLU A 75 15.82 -6.00 -13.16
CA GLU A 75 16.48 -5.63 -14.40
C GLU A 75 15.84 -4.37 -15.04
N PHE A 76 14.66 -3.96 -14.59
CA PHE A 76 14.02 -2.75 -15.17
C PHE A 76 14.73 -1.43 -14.77
N LYS A 77 15.64 -1.51 -13.78
CA LYS A 77 16.57 -0.40 -13.46
C LYS A 77 17.56 -0.16 -14.58
N GLU A 78 17.78 -1.12 -15.48
CA GLU A 78 18.67 -0.91 -16.63
C GLU A 78 18.02 -0.22 -17.84
N GLN A 79 18.64 0.84 -18.32
CA GLN A 79 18.10 1.54 -19.47
C GLN A 79 17.90 0.68 -20.73
N GLU A 80 18.87 -0.20 -21.03
CA GLU A 80 18.80 -1.06 -22.23
C GLU A 80 17.65 -2.05 -22.22
N VAL A 81 17.38 -2.58 -21.03
CA VAL A 81 16.25 -3.49 -20.77
C VAL A 81 14.90 -2.75 -21.02
N ARG A 82 14.82 -1.51 -20.53
CA ARG A 82 13.60 -0.73 -20.76
C ARG A 82 13.31 -0.51 -22.24
N LYS A 83 14.32 -0.46 -23.09
CA LYS A 83 14.05 -0.30 -24.54
C LYS A 83 13.17 -1.42 -25.10
N VAL A 84 13.34 -2.62 -24.56
CA VAL A 84 12.53 -3.77 -24.95
C VAL A 84 11.08 -3.60 -24.52
N ALA A 85 10.86 -3.25 -23.26
CA ALA A 85 9.52 -2.82 -22.80
C ALA A 85 8.83 -1.74 -23.68
N ILE A 86 9.55 -0.66 -23.96
CA ILE A 86 9.08 0.43 -24.81
C ILE A 86 8.70 0.00 -26.23
N GLU A 87 9.49 -0.90 -26.82
CA GLU A 87 9.23 -1.40 -28.16
C GLU A 87 7.99 -2.31 -28.13
N ASN A 88 7.81 -3.13 -27.09
CA ASN A 88 6.62 -3.98 -27.03
C ASN A 88 5.31 -3.21 -26.91
N LEU A 89 5.35 -2.07 -26.22
CA LEU A 89 4.20 -1.20 -26.20
C LEU A 89 4.04 -0.48 -27.51
N ARG A 90 5.14 0.12 -27.98
CA ARG A 90 5.10 0.84 -29.25
C ARG A 90 4.63 0.01 -30.47
N LYS A 91 5.16 -1.21 -30.62
CA LYS A 91 4.67 -2.26 -31.54
C LYS A 91 3.16 -2.23 -31.74
N ARG A 92 2.46 -2.09 -30.61
CA ARG A 92 0.99 -2.24 -30.56
C ARG A 92 0.23 -0.94 -30.66
N GLY A 93 0.97 0.15 -30.86
CA GLY A 93 0.39 1.49 -30.93
C GLY A 93 -0.12 2.00 -29.57
N ILE A 94 0.37 1.45 -28.47
CA ILE A 94 -0.04 1.92 -27.16
C ILE A 94 0.56 3.33 -26.85
N GLU A 95 -0.33 4.25 -26.47
CA GLU A 95 -0.01 5.69 -26.21
C GLU A 95 -0.02 6.14 -24.73
N GLY A 96 -0.53 5.25 -23.86
CA GLY A 96 -0.70 5.52 -22.45
C GLY A 96 -0.48 4.28 -21.63
N LEU A 97 0.24 4.42 -20.51
CA LEU A 97 0.46 3.35 -19.56
C LEU A 97 0.06 3.81 -18.15
N VAL A 98 -0.72 2.98 -17.50
CA VAL A 98 -1.14 3.20 -16.13
C VAL A 98 -0.45 2.10 -15.32
N VAL A 99 0.33 2.52 -14.32
N VAL A 99 0.36 2.52 -14.34
CA VAL A 99 1.01 1.64 -13.38
CA VAL A 99 1.03 1.64 -13.38
C VAL A 99 0.36 1.78 -11.99
C VAL A 99 0.38 1.78 -11.99
N ILE A 100 -0.13 0.66 -11.48
CA ILE A 100 -0.74 0.57 -10.16
C ILE A 100 0.28 -0.08 -9.23
N GLY A 101 0.76 0.65 -8.23
CA GLY A 101 1.71 0.05 -7.26
C GLY A 101 2.23 1.07 -6.30
N GLY A 102 3.39 0.81 -5.71
CA GLY A 102 4.08 1.76 -4.82
C GLY A 102 5.04 2.73 -5.50
N ASP A 103 5.75 3.56 -4.72
CA ASP A 103 6.74 4.51 -5.34
C ASP A 103 7.86 3.87 -6.17
N GLY A 104 8.29 2.67 -5.79
CA GLY A 104 9.17 1.88 -6.64
C GLY A 104 8.58 1.74 -8.03
N SER A 105 7.31 1.30 -8.06
CA SER A 105 6.62 1.12 -9.34
C SER A 105 6.60 2.40 -10.16
N TYR A 106 6.51 3.55 -9.47
CA TYR A 106 6.45 4.86 -10.14
C TYR A 106 7.73 5.24 -10.87
N ARG A 107 8.85 4.73 -10.34
CA ARG A 107 10.16 5.02 -10.94
C ARG A 107 10.25 4.48 -12.32
N GLY A 108 9.85 3.23 -12.49
CA GLY A 108 9.70 2.63 -13.79
C GLY A 108 8.87 3.45 -14.76
N ALA A 109 7.74 4.01 -14.31
CA ALA A 109 6.87 4.86 -15.20
C ALA A 109 7.54 6.16 -15.56
N GLN A 110 8.12 6.82 -14.56
CA GLN A 110 8.97 8.01 -14.81
C GLN A 110 10.04 7.76 -15.90
N ARG A 111 10.81 6.69 -15.75
CA ARG A 111 11.78 6.32 -16.81
C ARG A 111 11.12 6.13 -18.19
N ILE A 112 9.99 5.40 -18.22
CA ILE A 112 9.34 5.19 -19.51
C ILE A 112 8.91 6.54 -20.12
N SER A 113 8.41 7.43 -19.30
CA SER A 113 8.05 8.76 -19.83
C SER A 113 9.28 9.53 -20.35
N GLU A 114 10.38 9.54 -19.60
CA GLU A 114 11.63 10.24 -20.05
C GLU A 114 12.17 9.66 -21.35
N GLU A 115 12.10 8.35 -21.47
CA GLU A 115 12.71 7.63 -22.59
C GLU A 115 11.81 7.41 -23.77
N CYS A 116 10.51 7.66 -23.64
CA CYS A 116 9.60 7.58 -24.80
C CYS A 116 8.56 8.73 -24.58
N LYS A 117 8.75 9.76 -25.37
CA LYS A 117 7.84 10.85 -25.61
C LYS A 117 6.44 10.37 -26.03
N GLU A 118 6.35 9.29 -26.80
CA GLU A 118 5.07 8.85 -27.34
C GLU A 118 4.20 8.17 -26.32
N ILE A 119 4.75 7.67 -25.23
CA ILE A 119 3.91 7.07 -24.19
C ILE A 119 3.69 8.00 -22.96
N GLN A 120 2.45 8.34 -22.70
CA GLN A 120 2.09 9.03 -21.49
C GLN A 120 2.00 7.98 -20.37
N THR A 121 2.53 8.30 -19.19
CA THR A 121 2.45 7.39 -18.02
C THR A 121 1.75 8.07 -16.88
N ILE A 122 0.89 7.34 -16.16
CA ILE A 122 0.21 7.76 -14.94
C ILE A 122 0.31 6.64 -13.89
N GLY A 123 0.69 7.06 -12.67
CA GLY A 123 0.75 6.18 -11.49
C GLY A 123 -0.49 6.27 -10.58
N ILE A 124 -0.96 5.09 -10.15
CA ILE A 124 -1.98 4.91 -9.18
C ILE A 124 -1.41 4.26 -7.92
N PRO A 125 -1.69 4.85 -6.74
CA PRO A 125 -1.03 4.40 -5.54
C PRO A 125 -1.66 3.16 -4.86
N GLY A 126 -1.26 1.98 -5.29
CA GLY A 126 -1.70 0.70 -4.70
C GLY A 126 -0.67 0.12 -3.76
N THR A 127 -0.85 0.35 -2.48
CA THR A 127 0.08 -0.19 -1.47
C THR A 127 -0.55 0.10 -0.08
N ILE A 128 -0.28 -0.78 0.85
CA ILE A 128 -0.94 -0.72 2.16
C ILE A 128 -0.26 0.25 3.14
N ASP A 129 0.95 0.70 2.77
CA ASP A 129 1.89 1.47 3.58
C ASP A 129 1.57 2.92 3.79
N ASN A 130 0.80 3.52 2.87
CA ASN A 130 0.41 4.95 3.03
C ASN A 130 1.56 5.97 2.95
N ASP A 131 2.59 5.63 2.18
CA ASP A 131 3.90 6.29 2.21
C ASP A 131 4.19 6.88 0.83
N ILE A 132 3.22 7.53 0.19
CA ILE A 132 3.44 8.07 -1.16
C ILE A 132 3.10 9.49 -1.11
N ASN A 133 4.07 10.33 -1.44
CA ASN A 133 3.83 11.73 -1.59
C ASN A 133 2.65 12.14 -2.42
N GLY A 134 1.90 13.10 -1.89
CA GLY A 134 0.82 13.75 -2.61
C GLY A 134 -0.52 13.04 -2.53
N THR A 135 -0.60 11.97 -1.78
CA THR A 135 -1.89 11.44 -1.45
C THR A 135 -1.90 11.31 0.10
N ASP A 136 -3.01 11.66 0.74
CA ASP A 136 -3.16 11.47 2.17
C ASP A 136 -3.29 9.97 2.49
N PHE A 137 -3.83 9.20 1.55
CA PHE A 137 -4.09 7.73 1.76
C PHE A 137 -3.82 6.99 0.48
N THR A 138 -3.34 5.76 0.61
CA THR A 138 -3.05 4.91 -0.56
C THR A 138 -4.10 3.81 -0.70
N ILE A 139 -4.27 3.26 -1.89
CA ILE A 139 -5.32 2.21 -2.03
C ILE A 139 -4.80 0.95 -1.33
N GLY A 140 -5.43 0.56 -0.22
CA GLY A 140 -5.08 -0.66 0.56
C GLY A 140 -4.94 -0.38 2.03
N PHE A 141 -4.57 0.87 2.37
CA PHE A 141 -4.41 1.27 3.78
C PHE A 141 -5.64 0.99 4.62
N ASP A 142 -6.82 1.39 4.13
CA ASP A 142 -8.04 1.18 4.92
C ASP A 142 -8.30 -0.32 5.16
N THR A 143 -8.04 -1.12 4.10
CA THR A 143 -8.28 -2.56 4.16
C THR A 143 -7.29 -3.19 5.13
N ALA A 144 -6.01 -2.80 5.01
CA ALA A 144 -4.99 -3.30 5.91
C ALA A 144 -5.32 -3.00 7.37
N LEU A 145 -5.74 -1.75 7.63
CA LEU A 145 -6.13 -1.35 8.92
C LEU A 145 -7.20 -2.29 9.54
N ASN A 146 -8.28 -2.52 8.81
CA ASN A 146 -9.30 -3.43 9.30
C ASN A 146 -8.82 -4.86 9.39
N THR A 147 -7.96 -5.30 8.50
CA THR A 147 -7.40 -6.65 8.65
C THR A 147 -6.66 -6.81 10.00
N ILE A 148 -5.85 -5.82 10.36
CA ILE A 148 -5.11 -5.80 11.64
C ILE A 148 -6.11 -5.91 12.80
N ILE A 149 -7.18 -5.10 12.77
CA ILE A 149 -8.18 -5.16 13.82
C ILE A 149 -8.73 -6.60 13.95
N GLY A 150 -9.10 -7.23 12.86
CA GLY A 150 -9.64 -8.60 12.91
C GLY A 150 -8.63 -9.64 13.42
N LEU A 151 -7.37 -9.51 13.02
CA LEU A 151 -6.29 -10.38 13.52
C LEU A 151 -6.07 -10.26 15.02
N VAL A 152 -6.11 -9.02 15.53
CA VAL A 152 -5.96 -8.76 16.93
C VAL A 152 -7.16 -9.31 17.69
N ASP A 153 -8.34 -9.16 17.10
CA ASP A 153 -9.51 -9.79 17.72
C ASP A 153 -9.36 -11.33 17.80
N LYS A 154 -8.84 -11.95 16.75
CA LYS A 154 -8.67 -13.42 16.71
C LYS A 154 -7.66 -13.89 17.75
N ILE A 155 -6.55 -13.17 17.84
CA ILE A 155 -5.50 -13.39 18.85
C ILE A 155 -6.09 -13.32 20.24
N ARG A 156 -6.83 -12.27 20.54
CA ARG A 156 -7.40 -12.12 21.87
C ARG A 156 -8.45 -13.21 22.14
N ASP A 157 -9.25 -13.59 21.12
CA ASP A 157 -10.31 -14.54 21.32
C ASP A 157 -9.71 -15.92 21.57
N THR A 158 -8.54 -16.21 21.00
CA THR A 158 -7.97 -17.54 21.11
C THR A 158 -6.92 -17.67 22.21
N ALA A 159 -6.48 -16.56 22.81
CA ALA A 159 -5.41 -16.56 23.79
C ALA A 159 -5.82 -17.16 25.14
N SER A 160 -4.80 -17.57 25.86
CA SER A 160 -4.92 -18.03 27.19
C SER A 160 -5.17 -16.90 28.17
N SER A 161 -5.50 -17.35 29.39
CA SER A 161 -5.78 -16.51 30.56
C SER A 161 -4.53 -15.85 31.15
N HIS A 162 -3.38 -16.42 30.79
CA HIS A 162 -2.09 -15.90 31.24
C HIS A 162 -1.59 -14.78 30.35
N ALA A 163 -2.08 -14.71 29.11
CA ALA A 163 -1.64 -13.66 28.20
C ALA A 163 -1.86 -12.30 28.86
N ARG A 164 -0.80 -11.70 29.37
CA ARG A 164 -0.90 -10.36 29.92
C ARG A 164 -0.56 -9.31 28.82
N THR A 165 0.13 -9.75 27.77
CA THR A 165 0.75 -8.86 26.83
C THR A 165 0.82 -9.49 25.46
N PHE A 166 0.38 -8.75 24.45
CA PHE A 166 0.45 -9.20 23.08
C PHE A 166 1.30 -8.17 22.32
N ILE A 167 2.39 -8.66 21.74
CA ILE A 167 3.32 -7.87 20.90
C ILE A 167 3.07 -8.25 19.44
N ILE A 168 2.52 -7.29 18.70
CA ILE A 168 1.98 -7.51 17.41
C ILE A 168 2.69 -6.66 16.35
N GLU A 169 3.33 -7.40 15.44
CA GLU A 169 4.12 -6.81 14.37
C GLU A 169 3.23 -6.54 13.22
N ALA A 170 3.00 -5.25 12.94
CA ALA A 170 2.31 -4.76 11.77
C ALA A 170 3.28 -4.40 10.62
N MET A 171 2.73 -4.31 9.40
CA MET A 171 3.47 -3.88 8.22
C MET A 171 3.51 -2.36 8.20
N GLY A 172 3.96 -1.80 7.10
CA GLY A 172 4.16 -0.37 7.00
C GLY A 172 5.39 -0.02 6.20
N ARG A 173 6.36 -0.93 6.10
CA ARG A 173 7.68 -0.61 5.52
C ARG A 173 8.31 0.47 6.44
N ASP A 174 8.68 1.64 5.92
CA ASP A 174 9.24 2.79 6.67
C ASP A 174 8.26 3.86 7.19
N CYS A 175 6.96 3.59 7.12
CA CYS A 175 5.96 4.55 7.55
C CYS A 175 5.19 3.96 8.73
N GLY A 176 5.01 4.78 9.76
CA GLY A 176 4.33 4.37 10.99
C GLY A 176 2.79 4.48 10.97
N ASP A 177 2.21 4.89 9.86
CA ASP A 177 0.76 5.21 9.84
C ASP A 177 -0.10 4.05 10.17
N LEU A 178 0.22 2.89 9.65
CA LEU A 178 -0.62 1.70 9.83
C LEU A 178 -0.64 1.31 11.30
N ALA A 179 0.57 1.22 11.88
CA ALA A 179 0.75 0.92 13.29
C ALA A 179 0.02 1.89 14.17
N LEU A 180 0.08 3.16 13.82
CA LEU A 180 -0.60 4.20 14.60
C LEU A 180 -2.13 4.06 14.52
N TRP A 181 -2.66 4.00 13.32
CA TRP A 181 -4.16 3.87 13.19
C TRP A 181 -4.67 2.55 13.80
N ALA A 182 -3.93 1.45 13.59
CA ALA A 182 -4.35 0.14 14.05
C ALA A 182 -4.27 0.17 15.55
N GLY A 183 -3.17 0.73 16.08
CA GLY A 183 -2.91 0.82 17.53
C GLY A 183 -4.03 1.58 18.28
N LEU A 184 -4.36 2.77 17.80
CA LEU A 184 -5.48 3.53 18.28
C LEU A 184 -6.73 2.67 18.19
N SER A 185 -6.90 2.00 17.05
CA SER A 185 -8.16 1.25 16.79
C SER A 185 -8.32 0.09 17.73
N VAL A 186 -7.23 -0.54 18.15
CA VAL A 186 -7.36 -1.68 19.05
C VAL A 186 -7.15 -1.32 20.52
N GLY A 187 -6.90 -0.06 20.81
CA GLY A 187 -6.69 0.43 22.16
C GLY A 187 -5.35 0.06 22.76
N ALA A 188 -4.33 -0.03 21.91
CA ALA A 188 -3.00 -0.37 22.32
C ALA A 188 -2.43 0.63 23.30
N GLU A 189 -1.75 0.08 24.30
CA GLU A 189 -1.06 0.87 25.33
C GLU A 189 0.17 1.45 24.76
N THR A 190 0.75 0.79 23.77
CA THR A 190 2.00 1.28 23.19
C THR A 190 2.00 1.04 21.72
N ILE A 191 2.53 2.00 21.01
CA ILE A 191 2.66 1.97 19.59
C ILE A 191 4.11 2.34 19.32
N VAL A 192 4.81 1.45 18.61
CA VAL A 192 6.23 1.58 18.34
C VAL A 192 6.39 1.89 16.86
N VAL A 193 6.94 3.04 16.57
CA VAL A 193 7.01 3.51 15.21
C VAL A 193 8.32 4.21 14.92
N PRO A 194 8.71 4.23 13.62
CA PRO A 194 10.02 4.74 13.32
C PRO A 194 10.13 6.22 13.55
N GLU A 195 9.01 6.93 13.61
CA GLU A 195 9.04 8.40 13.70
C GLU A 195 9.16 8.93 15.14
N VAL A 196 9.01 8.03 16.13
CA VAL A 196 9.09 8.35 17.54
C VAL A 196 10.25 7.52 18.12
N LYS A 197 11.11 8.16 18.90
CA LYS A 197 12.22 7.46 19.63
C LYS A 197 11.63 6.50 20.67
N THR A 198 11.95 5.24 20.59
CA THR A 198 11.28 4.26 21.40
C THR A 198 11.98 4.32 22.76
N ASP A 199 11.20 4.38 23.83
CA ASP A 199 11.68 4.33 25.18
C ASP A 199 11.14 3.00 25.77
N ILE A 200 11.93 1.95 25.60
CA ILE A 200 11.66 0.61 26.09
C ILE A 200 11.31 0.58 27.58
N LYS A 201 12.05 1.36 28.36
CA LYS A 201 11.90 1.38 29.82
C LYS A 201 10.46 1.88 30.15
N GLU A 202 10.14 3.06 29.66
CA GLU A 202 8.82 3.66 29.78
C GLU A 202 7.73 2.63 29.44
N ILE A 203 7.91 1.95 28.32
CA ILE A 203 6.94 0.94 27.86
C ILE A 203 6.83 -0.19 28.86
N ALA A 204 7.99 -0.67 29.33
CA ALA A 204 8.01 -1.74 30.37
C ALA A 204 7.32 -1.28 31.68
N ASP A 205 7.58 -0.04 32.13
CA ASP A 205 6.84 0.49 33.31
C ASP A 205 5.34 0.48 33.09
N LYS A 206 4.90 0.57 31.84
CA LYS A 206 3.46 0.64 31.50
C LYS A 206 2.78 -0.72 31.49
N ILE A 207 3.46 -1.73 30.99
CA ILE A 207 2.97 -3.12 31.10
C ILE A 207 2.90 -3.60 32.57
N GLU A 208 3.91 -3.23 33.35
CA GLU A 208 4.08 -3.75 34.69
C GLU A 208 3.07 -3.07 35.58
N GLN A 209 2.55 -1.92 35.14
CA GLN A 209 1.43 -1.26 35.82
C GLN A 209 0.15 -2.02 35.66
N GLY A 210 -0.29 -2.19 34.41
CA GLY A 210 -1.51 -2.92 34.07
C GLY A 210 -1.49 -4.24 34.82
N ILE A 211 -0.38 -4.96 34.74
CA ILE A 211 -0.21 -6.27 35.39
C ILE A 211 -0.35 -6.16 36.92
N LYS A 212 0.48 -5.32 37.54
CA LYS A 212 0.35 -4.99 38.98
C LYS A 212 -1.05 -4.53 39.37
N ARG A 213 -1.75 -3.89 38.44
CA ARG A 213 -3.10 -3.44 38.66
C ARG A 213 -4.09 -4.52 38.24
N GLY A 214 -3.60 -5.76 38.10
CA GLY A 214 -4.39 -6.91 37.68
C GLY A 214 -5.20 -6.56 36.45
N LYS A 215 -4.48 -6.39 35.35
CA LYS A 215 -5.09 -6.09 34.08
C LYS A 215 -4.51 -7.00 33.03
N LYS A 216 -5.37 -7.53 32.18
CA LYS A 216 -4.97 -8.53 31.21
C LYS A 216 -4.95 -7.90 29.82
N HIS A 217 -4.38 -8.64 28.89
CA HIS A 217 -4.55 -8.41 27.45
C HIS A 217 -4.12 -7.04 26.97
N SER A 218 -2.94 -6.61 27.44
CA SER A 218 -2.28 -5.35 26.99
C SER A 218 -1.59 -5.54 25.62
N ILE A 219 -1.70 -4.56 24.73
CA ILE A 219 -1.24 -4.69 23.33
C ILE A 219 -0.12 -3.69 23.07
N VAL A 220 0.96 -4.21 22.48
CA VAL A 220 2.05 -3.42 21.90
C VAL A 220 1.99 -3.61 20.42
N LEU A 221 1.76 -2.52 19.69
CA LEU A 221 1.73 -2.60 18.25
C LEU A 221 3.01 -2.06 17.65
N VAL A 222 3.67 -2.86 16.79
CA VAL A 222 5.01 -2.56 16.32
C VAL A 222 5.09 -2.48 14.81
N ALA A 223 5.52 -1.33 14.33
CA ALA A 223 5.84 -1.18 12.93
C ALA A 223 7.14 -1.90 12.61
N GLU A 224 7.08 -2.71 11.57
CA GLU A 224 8.19 -3.51 11.06
C GLU A 224 9.39 -2.63 10.72
N GLY A 225 9.14 -1.41 10.26
CA GLY A 225 10.20 -0.45 10.01
C GLY A 225 10.95 0.07 11.23
N CYS A 226 10.41 -0.12 12.42
CA CYS A 226 11.06 0.32 13.65
C CYS A 226 11.88 -0.88 14.14
N MET A 227 11.23 -2.00 14.43
CA MET A 227 11.91 -3.25 14.83
C MET A 227 10.95 -4.42 14.67
N THR A 228 11.44 -5.65 14.90
CA THR A 228 10.56 -6.82 14.81
C THR A 228 9.89 -7.00 16.18
N ALA A 229 8.75 -7.69 16.19
CA ALA A 229 8.03 -8.02 17.43
C ALA A 229 8.91 -8.80 18.45
N GLN A 230 9.66 -9.75 17.91
CA GLN A 230 10.68 -10.55 18.59
C GLN A 230 11.68 -9.65 19.26
N ASP A 231 12.23 -8.70 18.49
CA ASP A 231 13.17 -7.76 19.05
C ASP A 231 12.62 -6.92 20.15
N CYS A 232 11.38 -6.43 19.96
CA CYS A 232 10.69 -5.65 20.96
C CYS A 232 10.54 -6.47 22.24
N GLN A 233 10.12 -7.73 22.07
CA GLN A 233 9.97 -8.66 23.21
C GLN A 233 11.31 -8.85 23.96
N LYS A 234 12.35 -9.19 23.20
CA LYS A 234 13.73 -9.30 23.77
C LYS A 234 14.16 -8.02 24.47
N GLU A 235 13.92 -6.87 23.85
CA GLU A 235 14.26 -5.61 24.54
C GLU A 235 13.48 -5.31 25.84
N LEU A 236 12.18 -5.61 25.87
CA LEU A 236 11.36 -5.44 27.09
C LEU A 236 11.78 -6.40 28.22
N SER A 237 12.21 -7.58 27.82
CA SER A 237 12.61 -8.61 28.78
C SER A 237 13.94 -8.27 29.46
N GLN A 238 14.66 -7.26 28.98
CA GLN A 238 15.72 -6.62 29.75
C GLN A 238 15.22 -6.01 31.05
N TYR A 239 13.92 -5.67 31.17
CA TYR A 239 13.37 -4.99 32.37
C TYR A 239 12.34 -5.73 33.18
N ILE A 240 11.59 -6.56 32.50
CA ILE A 240 10.41 -7.17 33.11
C ILE A 240 10.29 -8.50 32.44
N ASN A 241 9.45 -9.33 33.03
CA ASN A 241 9.26 -10.66 32.55
C ASN A 241 8.17 -10.76 31.52
N VAL A 242 8.48 -11.37 30.39
CA VAL A 242 7.54 -11.43 29.28
C VAL A 242 8.02 -12.50 28.30
N ASP A 243 7.09 -13.33 27.88
CA ASP A 243 7.10 -13.88 26.54
C ASP A 243 5.64 -14.19 26.62
N ASN A 244 4.82 -13.36 25.99
CA ASN A 244 3.38 -13.46 26.15
C ASN A 244 2.92 -14.03 24.82
N ARG A 245 2.72 -13.15 23.85
CA ARG A 245 2.31 -13.57 22.51
C ARG A 245 2.94 -12.65 21.42
N VAL A 246 4.13 -13.03 20.95
CA VAL A 246 4.79 -12.32 19.80
C VAL A 246 4.16 -12.85 18.54
N SER A 247 3.36 -12.02 17.93
CA SER A 247 2.64 -12.32 16.69
C SER A 247 3.08 -11.43 15.52
N VAL A 248 3.63 -12.07 14.49
CA VAL A 248 4.09 -11.41 13.26
C VAL A 248 2.94 -11.52 12.30
N LEU A 249 2.24 -10.45 12.03
CA LEU A 249 0.97 -10.59 11.30
C LEU A 249 1.17 -11.00 9.84
N GLY A 250 2.16 -10.39 9.21
CA GLY A 250 2.64 -10.85 7.94
C GLY A 250 1.69 -10.56 6.80
N HIS A 251 1.86 -11.36 5.74
CA HIS A 251 1.41 -11.02 4.38
C HIS A 251 -0.09 -11.04 4.13
N VAL A 252 -0.82 -11.70 5.04
CA VAL A 252 -2.25 -11.63 5.14
C VAL A 252 -2.67 -10.15 5.16
N GLN A 253 -1.84 -9.25 5.72
CA GLN A 253 -2.22 -7.81 5.76
C GLN A 253 -2.44 -7.19 4.40
N ARG A 254 -1.88 -7.83 3.38
CA ARG A 254 -2.00 -7.46 1.97
C ARG A 254 -3.14 -8.19 1.28
N GLY A 255 -3.67 -9.27 1.88
CA GLY A 255 -4.67 -10.09 1.25
C GLY A 255 -6.04 -9.61 1.63
N GLY A 256 -7.04 -10.34 1.16
CA GLY A 256 -8.41 -10.07 1.54
C GLY A 256 -9.03 -9.03 0.62
N SER A 257 -10.35 -9.02 0.68
CA SER A 257 -11.21 -8.20 -0.10
C SER A 257 -11.05 -6.74 0.34
N PRO A 258 -10.89 -5.80 -0.61
CA PRO A 258 -10.93 -4.42 -0.08
C PRO A 258 -12.23 -4.01 0.57
N THR A 259 -12.06 -3.18 1.61
CA THR A 259 -13.15 -2.37 2.16
C THR A 259 -13.80 -1.43 1.17
N GLY A 260 -14.92 -0.86 1.59
CA GLY A 260 -15.67 0.07 0.77
C GLY A 260 -14.88 1.33 0.48
N ALA A 261 -14.13 1.82 1.45
CA ALA A 261 -13.25 2.97 1.26
C ALA A 261 -12.27 2.68 0.16
N ASP A 262 -11.63 1.51 0.20
CA ASP A 262 -10.70 1.17 -0.85
C ASP A 262 -11.29 0.96 -2.21
N ARG A 263 -12.49 0.38 -2.27
CA ARG A 263 -13.19 0.19 -3.50
C ARG A 263 -13.51 1.51 -4.20
N VAL A 264 -13.98 2.45 -3.41
CA VAL A 264 -14.36 3.75 -3.93
C VAL A 264 -13.13 4.54 -4.34
N LEU A 265 -12.11 4.55 -3.48
CA LEU A 265 -10.91 5.27 -3.72
C LEU A 265 -10.24 4.76 -5.01
N ALA A 266 -10.09 3.45 -5.11
CA ALA A 266 -9.52 2.79 -6.28
C ALA A 266 -10.24 3.16 -7.53
N SER A 267 -11.56 3.12 -7.45
CA SER A 267 -12.39 3.39 -8.58
C SER A 267 -12.25 4.83 -9.10
N ARG A 268 -12.28 5.80 -8.19
CA ARG A 268 -12.16 7.21 -8.55
C ARG A 268 -10.79 7.45 -9.17
N LEU A 269 -9.74 6.82 -8.62
CA LEU A 269 -8.38 7.12 -9.06
C LEU A 269 -8.12 6.43 -10.42
N GLY A 270 -8.64 5.22 -10.59
CA GLY A 270 -8.59 4.56 -11.88
C GLY A 270 -9.29 5.35 -12.98
N GLY A 271 -10.48 5.85 -12.71
CA GLY A 271 -11.19 6.72 -13.72
C GLY A 271 -10.47 8.05 -14.00
N TYR A 272 -9.98 8.68 -12.93
CA TYR A 272 -9.16 9.89 -13.07
C TYR A 272 -7.86 9.68 -13.87
N ALA A 273 -7.20 8.53 -13.72
CA ALA A 273 -6.01 8.27 -14.50
C ALA A 273 -6.28 8.26 -16.01
N VAL A 274 -7.38 7.64 -16.39
CA VAL A 274 -7.82 7.62 -17.75
C VAL A 274 -8.18 9.03 -18.26
N ASP A 275 -8.95 9.80 -17.45
CA ASP A 275 -9.21 11.26 -17.76
C ASP A 275 -7.96 12.03 -17.97
N LEU A 276 -6.94 11.77 -17.18
CA LEU A 276 -5.69 12.48 -17.33
C LEU A 276 -4.94 12.12 -18.64
N LEU A 277 -4.93 10.83 -19.00
CA LEU A 277 -4.38 10.41 -20.29
C LEU A 277 -5.07 11.06 -21.46
N MET A 278 -6.40 11.07 -21.43
CA MET A 278 -7.15 11.73 -22.49
C MET A 278 -6.89 13.25 -22.54
N GLN A 279 -6.63 13.85 -21.40
CA GLN A 279 -6.28 15.27 -21.33
C GLN A 279 -4.86 15.61 -21.78
N GLY A 280 -4.03 14.62 -22.14
CA GLY A 280 -2.66 14.88 -22.52
C GLY A 280 -1.64 14.89 -21.39
N GLU A 281 -1.99 14.46 -20.18
CA GLU A 281 -1.01 14.56 -19.04
C GLU A 281 -0.07 13.38 -18.97
N THR A 282 1.07 13.57 -18.32
CA THR A 282 2.07 12.51 -18.22
C THR A 282 2.96 12.75 -17.01
N ALA A 283 3.56 11.65 -16.57
CA ALA A 283 4.54 11.62 -15.53
C ALA A 283 3.95 12.18 -14.16
N LYS A 284 2.73 11.72 -13.83
CA LYS A 284 2.02 12.13 -12.64
C LYS A 284 1.47 10.94 -11.87
N GLY A 285 1.46 11.08 -10.54
CA GLY A 285 0.79 10.14 -9.62
C GLY A 285 -0.52 10.75 -9.23
N VAL A 286 -1.57 9.96 -9.21
CA VAL A 286 -2.86 10.47 -8.72
C VAL A 286 -3.07 10.20 -7.25
N GLY A 287 -3.97 10.97 -6.63
CA GLY A 287 -4.22 10.86 -5.19
C GLY A 287 -5.44 11.59 -4.67
N ILE A 288 -5.67 11.45 -3.37
CA ILE A 288 -6.62 12.21 -2.63
C ILE A 288 -5.82 13.02 -1.57
N LYS A 289 -5.92 14.35 -1.66
CA LYS A 289 -5.28 15.30 -0.79
C LYS A 289 -6.32 16.27 -0.31
N ASN A 290 -6.51 16.35 1.00
CA ASN A 290 -7.53 17.27 1.60
C ASN A 290 -8.90 17.08 0.99
N ASN A 291 -9.25 15.82 0.76
CA ASN A 291 -10.51 15.44 0.17
C ASN A 291 -10.77 15.88 -1.26
N LYS A 292 -9.72 16.11 -2.04
CA LYS A 292 -9.82 16.38 -3.46
C LYS A 292 -8.95 15.40 -4.23
N ILE A 293 -9.45 14.93 -5.37
CA ILE A 293 -8.74 14.03 -6.28
C ILE A 293 -7.74 14.93 -7.04
N VAL A 294 -6.45 14.61 -6.94
CA VAL A 294 -5.38 15.44 -7.52
C VAL A 294 -4.29 14.57 -8.18
N ALA A 295 -3.45 15.23 -8.97
CA ALA A 295 -2.35 14.60 -9.67
C ALA A 295 -1.09 15.39 -9.34
N THR A 296 0.00 14.67 -9.09
CA THR A 296 1.25 15.27 -8.66
C THR A 296 2.36 14.74 -9.53
N SER A 297 3.29 15.60 -9.94
CA SER A 297 4.33 15.16 -10.85
C SER A 297 5.24 14.20 -10.11
N PHE A 298 5.76 13.21 -10.81
CA PHE A 298 6.66 12.28 -10.21
C PHE A 298 7.87 12.94 -9.58
N ASP A 299 8.31 14.06 -10.14
CA ASP A 299 9.43 14.85 -9.56
C ASP A 299 9.14 15.27 -8.13
N GLU A 300 7.99 15.91 -7.94
CA GLU A 300 7.57 16.31 -6.59
C GLU A 300 7.35 15.12 -5.68
N ILE A 301 6.73 14.05 -6.21
CA ILE A 301 6.53 12.79 -5.43
C ILE A 301 7.86 12.35 -4.83
N PHE A 302 8.89 12.26 -5.68
CA PHE A 302 10.21 11.81 -5.28
C PHE A 302 11.22 12.83 -4.76
N ASP A 303 10.87 14.12 -4.65
CA ASP A 303 11.85 15.13 -4.17
C ASP A 303 11.56 15.46 -2.73
N GLY A 304 10.59 16.37 -2.56
CA GLY A 304 9.97 16.61 -1.27
C GLY A 304 9.71 15.17 -1.04
N LYS A 305 10.19 14.66 0.08
CA LYS A 305 9.87 13.30 0.44
C LYS A 305 9.23 13.49 1.82
N ASP A 306 8.12 14.25 1.89
CA ASP A 306 7.53 14.67 3.19
C ASP A 306 6.01 14.56 3.20
N HIS A 307 5.53 13.51 3.85
CA HIS A 307 4.12 13.34 4.18
C HIS A 307 4.03 13.13 5.69
N LYS A 308 3.65 14.19 6.40
CA LYS A 308 3.73 14.25 7.87
C LYS A 308 3.14 13.06 8.65
N PHE A 309 3.93 12.58 9.61
CA PHE A 309 3.48 11.66 10.64
C PHE A 309 2.72 12.51 11.67
N ASP A 310 1.56 12.00 12.00
CA ASP A 310 0.73 12.75 12.88
C ASP A 310 1.04 12.50 14.35
N TYR A 311 1.95 13.32 14.89
CA TYR A 311 2.34 13.23 16.29
C TYR A 311 1.18 13.54 17.21
N SER A 312 0.25 14.39 16.79
CA SER A 312 -0.87 14.73 17.65
C SER A 312 -1.73 13.50 17.84
N LEU A 313 -1.92 12.73 16.79
CA LEU A 313 -2.74 11.49 16.82
C LEU A 313 -2.02 10.43 17.63
N TYR A 314 -0.71 10.34 17.45
CA TYR A 314 0.10 9.44 18.28
C TYR A 314 -0.11 9.78 19.79
N GLU A 315 0.01 11.05 20.11
CA GLU A 315 -0.24 11.50 21.49
C GLU A 315 -1.70 11.32 22.00
N LEU A 316 -2.70 11.55 21.12
CA LEU A 316 -4.04 11.12 21.45
C LEU A 316 -4.14 9.63 21.82
N ALA A 317 -3.67 8.73 20.99
CA ALA A 317 -3.67 7.30 21.30
C ALA A 317 -3.13 6.94 22.67
N ASN A 318 -1.95 7.51 23.00
CA ASN A 318 -1.41 7.39 24.36
C ASN A 318 -2.31 7.96 25.44
N LYS A 319 -2.87 9.14 25.18
CA LYS A 319 -3.87 9.70 26.05
C LYS A 319 -5.04 8.74 26.31
N LEU A 320 -5.50 8.05 25.28
CA LEU A 320 -6.65 7.20 25.44
C LEU A 320 -6.39 5.89 26.17
N SER A 321 -5.11 5.54 26.36
CA SER A 321 -4.67 4.20 26.84
C SER A 321 -4.30 4.10 28.33
PG ATP B . 7.66 0.71 -2.47
O1G ATP B . 8.70 -0.14 -1.77
O2G ATP B . 8.09 2.14 -2.56
O3G ATP B . 6.26 0.56 -1.88
PB ATP B . 6.46 -0.81 -4.80
O1B ATP B . 5.39 -1.30 -3.81
O2B ATP B . 5.96 -0.26 -6.10
O3B ATP B . 7.52 0.27 -4.08
PA ATP B . 8.91 -2.33 -5.52
O1A ATP B . 9.17 -3.75 -5.08
O2A ATP B . 9.79 -1.21 -5.03
O3A ATP B . 7.30 -2.11 -5.30
O5' ATP B . 9.05 -2.30 -7.12
C5' ATP B . 8.10 -2.80 -8.06
C4' ATP B . 8.88 -2.85 -9.38
O4' ATP B . 9.13 -1.50 -9.77
C3' ATP B . 10.29 -3.44 -9.34
O3' ATP B . 10.45 -4.84 -9.26
C2' ATP B . 10.88 -2.89 -10.62
O2' ATP B . 10.48 -3.57 -11.81
C1' ATP B . 10.30 -1.49 -10.62
N9 ATP B . 11.23 -0.50 -10.03
C8 ATP B . 11.45 -0.22 -8.70
N7 ATP B . 12.36 0.80 -8.58
C5 ATP B . 12.75 1.14 -9.85
C6 ATP B . 13.69 2.09 -10.49
N6 ATP B . 14.41 2.92 -9.73
N1 ATP B . 13.78 2.14 -11.85
C2 ATP B . 13.05 1.31 -12.63
N3 ATP B . 12.20 0.40 -12.10
C4 ATP B . 12.00 0.28 -10.79
C1 GOL C . -19.51 -7.13 -12.35
O1 GOL C . -19.43 -6.79 -13.75
C2 GOL C . -18.71 -6.01 -11.74
O2 GOL C . -17.68 -5.66 -12.69
C3 GOL C . -18.07 -6.43 -10.43
O3 GOL C . -16.65 -6.30 -10.34
#